data_5H7F
#
_entry.id   5H7F
#
_cell.length_a   91.200
_cell.length_b   91.200
_cell.length_c   170.000
_cell.angle_alpha   90.000
_cell.angle_beta   90.000
_cell.angle_gamma   120.000
#
_symmetry.space_group_name_H-M   'H 3 2'
#
loop_
_entity.id
_entity.type
_entity.pdbx_description
1 polymer "RNA 2',3'-cyclic phosphodiesterase"
2 non-polymer 'SULFATE ION'
3 water water
#
_entity_poly.entity_id   1
_entity_poly.type   'polypeptide(L)'
_entity_poly.pdbx_seq_one_letter_code
;HQPSTYRLFYALRVPADITAPLAEAQAKLRGNWRAVRPDQMHVTLSYLPAVPPERVEDLKRLGTRLTQDLPPLHVNLRGT
GYFPNEGSPRVWFVKTEAEGLTELAENLRAGIRELGIGTDDLAFKAHITLARKKGPAPRLPPLIFDQSWTAPGLTLYRSI
LRKTGPIYEVQSTFRFRGSASQ
;
_entity_poly.pdbx_strand_id   A
#
loop_
_chem_comp.id
_chem_comp.type
_chem_comp.name
_chem_comp.formula
SO4 non-polymer 'SULFATE ION' 'O4 S -2'
#
# COMPACT_ATOMS: atom_id res chain seq x y z
N HIS A 1 -8.15 -16.69 -25.59
CA HIS A 1 -8.01 -15.88 -24.39
C HIS A 1 -9.16 -14.88 -24.22
N GLN A 2 -9.35 -14.44 -22.99
CA GLN A 2 -10.42 -13.55 -22.60
C GLN A 2 -9.95 -12.10 -22.68
N PRO A 3 -10.87 -11.12 -22.59
CA PRO A 3 -10.45 -9.71 -22.66
C PRO A 3 -9.40 -9.37 -21.62
N SER A 4 -8.40 -8.61 -22.03
CA SER A 4 -7.33 -8.31 -21.09
C SER A 4 -7.84 -7.44 -19.93
N THR A 5 -7.21 -7.63 -18.79
CA THR A 5 -7.52 -6.88 -17.59
C THR A 5 -6.23 -6.27 -17.06
N TYR A 6 -6.40 -5.35 -16.11
CA TYR A 6 -5.30 -4.66 -15.44
C TYR A 6 -5.21 -5.13 -14.00
N ARG A 7 -3.99 -5.19 -13.43
CA ARG A 7 -3.79 -5.35 -11.99
C ARG A 7 -3.63 -3.94 -11.43
N LEU A 8 -4.55 -3.55 -10.56
CA LEU A 8 -4.55 -2.20 -10.05
C LEU A 8 -4.54 -2.23 -8.54
N PHE A 9 -4.09 -1.14 -7.94
CA PHE A 9 -4.26 -1.05 -6.50
C PHE A 9 -4.26 0.42 -6.10
N TYR A 10 -5.01 0.72 -5.04
CA TYR A 10 -5.00 2.07 -4.46
C TYR A 10 -4.01 2.08 -3.31
N ALA A 11 -3.16 3.11 -3.27
CA ALA A 11 -2.15 3.12 -2.22
C ALA A 11 -1.79 4.57 -1.91
N LEU A 12 -1.16 4.77 -0.75
CA LEU A 12 -0.45 6.02 -0.45
C LEU A 12 1.00 5.85 -0.85
N ARG A 13 1.52 6.81 -1.61
CA ARG A 13 2.94 6.88 -1.91
C ARG A 13 3.69 7.19 -0.62
N VAL A 14 4.95 6.79 -0.55
CA VAL A 14 5.77 7.03 0.63
C VAL A 14 6.93 7.96 0.20
N PRO A 15 7.12 9.11 0.83
CA PRO A 15 8.09 10.09 0.33
C PRO A 15 9.51 9.75 0.76
N ALA A 16 10.44 10.48 0.17
CA ALA A 16 11.86 10.19 0.35
C ALA A 16 12.32 10.24 1.79
N ASP A 17 11.75 11.16 2.57
CA ASP A 17 12.22 11.27 3.95
C ASP A 17 11.81 10.07 4.78
N ILE A 18 10.88 9.25 4.27
CA ILE A 18 10.43 8.04 4.95
C ILE A 18 11.07 6.81 4.32
N THR A 19 11.17 6.75 2.98
CA THR A 19 11.78 5.54 2.42
C THR A 19 13.25 5.43 2.80
N ALA A 20 13.92 6.56 3.08
CA ALA A 20 15.33 6.48 3.44
C ALA A 20 15.56 5.77 4.77
N PRO A 21 14.89 6.12 5.87
CA PRO A 21 15.12 5.34 7.09
C PRO A 21 14.62 3.91 7.01
N LEU A 22 13.60 3.66 6.21
CA LEU A 22 13.16 2.27 6.04
C LEU A 22 14.21 1.46 5.30
N ALA A 23 14.84 2.06 4.28
CA ALA A 23 15.89 1.32 3.62
C ALA A 23 17.07 1.07 4.53
N GLU A 24 17.35 1.99 5.44
CA GLU A 24 18.44 1.74 6.38
C GLU A 24 18.10 0.55 7.26
N ALA A 25 16.83 0.40 7.62
CA ALA A 25 16.43 -0.77 8.40
C ALA A 25 16.61 -2.06 7.60
N GLN A 26 16.44 -1.97 6.27
CA GLN A 26 16.64 -3.14 5.43
C GLN A 26 18.07 -3.62 5.43
N ALA A 27 19.03 -2.81 5.84
CA ALA A 27 20.40 -3.30 5.85
C ALA A 27 20.61 -4.46 6.81
N LYS A 28 19.69 -4.66 7.75
CA LYS A 28 19.75 -5.81 8.66
C LYS A 28 19.29 -7.12 8.03
N LEU A 29 18.57 -7.11 6.92
CA LEU A 29 18.12 -8.35 6.30
C LEU A 29 19.29 -9.29 6.02
N ARG A 30 18.99 -10.59 6.05
CA ARG A 30 19.98 -11.61 5.74
C ARG A 30 19.27 -12.83 5.19
N GLY A 31 20.04 -13.76 4.63
CA GLY A 31 19.41 -14.99 4.16
C GLY A 31 18.48 -14.77 2.99
N ASN A 32 17.37 -15.52 2.99
CA ASN A 32 16.46 -15.51 1.85
C ASN A 32 15.58 -14.27 1.80
N TRP A 33 15.69 -13.34 2.75
CA TRP A 33 14.88 -12.13 2.67
C TRP A 33 15.24 -11.32 1.42
N ARG A 34 14.23 -10.80 0.75
CA ARG A 34 14.40 -9.98 -0.44
C ARG A 34 13.81 -8.61 -0.13
N ALA A 35 14.64 -7.59 -0.10
CA ALA A 35 14.21 -6.24 0.24
C ALA A 35 13.35 -5.63 -0.84
N VAL A 36 12.32 -4.91 -0.43
CA VAL A 36 11.49 -4.11 -1.33
C VAL A 36 12.27 -2.85 -1.72
N ARG A 37 12.29 -2.51 -3.01
CA ARG A 37 13.01 -1.32 -3.42
C ARG A 37 12.27 -0.09 -2.91
N PRO A 38 12.98 0.97 -2.52
CA PRO A 38 12.27 2.21 -2.10
C PRO A 38 11.22 2.66 -3.08
N ASP A 39 11.48 2.57 -4.39
CA ASP A 39 10.48 3.00 -5.34
C ASP A 39 9.22 2.17 -5.29
N GLN A 40 9.28 0.95 -4.74
CA GLN A 40 8.14 0.04 -4.62
C GLN A 40 7.38 0.21 -3.29
N MET A 41 7.86 1.06 -2.36
CA MET A 41 7.25 1.11 -1.04
C MET A 41 5.97 1.94 -1.09
N HIS A 42 4.88 1.40 -0.56
CA HIS A 42 3.63 2.14 -0.55
C HIS A 42 2.76 1.54 0.56
N VAL A 43 1.70 2.26 0.90
CA VAL A 43 0.67 1.78 1.87
C VAL A 43 -0.56 1.36 1.04
N THR A 44 -0.79 0.08 0.84
CA THR A 44 -1.90 -0.36 0.00
C THR A 44 -3.21 -0.26 0.76
N LEU A 45 -4.25 0.26 0.10
CA LEU A 45 -5.59 0.24 0.67
C LEU A 45 -6.49 -0.82 0.05
N SER A 46 -6.33 -1.12 -1.24
CA SER A 46 -7.13 -2.18 -1.82
C SER A 46 -6.41 -2.67 -3.07
N TYR A 47 -6.43 -3.98 -3.29
CA TYR A 47 -5.76 -4.61 -4.46
C TYR A 47 -6.83 -5.21 -5.37
N LEU A 48 -6.76 -4.89 -6.66
CA LEU A 48 -7.79 -5.28 -7.64
C LEU A 48 -7.08 -6.08 -8.72
N PRO A 49 -7.10 -7.40 -8.65
CA PRO A 49 -6.23 -8.21 -9.54
C PRO A 49 -6.61 -8.24 -11.01
N ALA A 50 -7.86 -7.95 -11.41
CA ALA A 50 -8.22 -8.17 -12.82
C ALA A 50 -9.36 -7.21 -13.17
N VAL A 51 -9.00 -5.96 -13.43
CA VAL A 51 -9.95 -4.90 -13.72
C VAL A 51 -10.07 -4.76 -15.24
N PRO A 52 -11.25 -4.90 -15.81
CA PRO A 52 -11.41 -4.59 -17.24
C PRO A 52 -11.09 -3.13 -17.50
N PRO A 53 -10.32 -2.83 -18.53
CA PRO A 53 -9.92 -1.41 -18.72
C PRO A 53 -11.10 -0.46 -18.81
N GLU A 54 -12.25 -0.90 -19.30
CA GLU A 54 -13.40 0.00 -19.37
C GLU A 54 -13.94 0.39 -18.00
N ARG A 55 -13.50 -0.26 -16.91
CA ARG A 55 -13.97 0.10 -15.57
C ARG A 55 -13.06 1.11 -14.88
N VAL A 56 -11.95 1.49 -15.51
CA VAL A 56 -10.97 2.34 -14.84
C VAL A 56 -11.57 3.71 -14.56
N GLU A 57 -12.37 4.24 -15.48
CA GLU A 57 -12.99 5.54 -15.23
C GLU A 57 -13.86 5.52 -13.99
N ASP A 58 -14.60 4.43 -13.74
CA ASP A 58 -15.41 4.35 -12.52
C ASP A 58 -14.51 4.39 -11.30
N LEU A 59 -13.37 3.71 -11.37
CA LEU A 59 -12.44 3.69 -10.26
C LEU A 59 -11.80 5.05 -10.01
N LYS A 60 -11.58 5.82 -11.08
CA LYS A 60 -11.07 7.18 -10.91
C LYS A 60 -12.12 8.08 -10.28
N ARG A 61 -13.39 7.93 -10.71
CA ARG A 61 -14.45 8.71 -10.08
C ARG A 61 -14.59 8.36 -8.61
N LEU A 62 -14.46 7.08 -8.26
CA LEU A 62 -14.55 6.67 -6.85
C LEU A 62 -13.41 7.29 -6.05
N GLY A 63 -12.22 7.31 -6.61
CA GLY A 63 -11.10 7.90 -5.88
C GLY A 63 -11.30 9.38 -5.61
N THR A 64 -11.77 10.11 -6.63
CA THR A 64 -12.03 11.53 -6.44
C THR A 64 -13.10 11.76 -5.38
N ARG A 65 -14.19 11.01 -5.43
CA ARG A 65 -15.29 11.23 -4.51
C ARG A 65 -14.87 10.99 -3.06
N LEU A 66 -14.14 9.91 -2.82
CA LEU A 66 -13.78 9.57 -1.45
C LEU A 66 -12.72 10.50 -0.88
N THR A 67 -11.92 11.17 -1.72
CA THR A 67 -10.87 12.02 -1.17
C THR A 67 -11.27 13.47 -1.08
N GLN A 68 -12.41 13.83 -1.65
CA GLN A 68 -12.76 15.23 -1.80
C GLN A 68 -12.87 15.94 -0.45
N ASP A 69 -13.38 15.28 0.58
CA ASP A 69 -13.67 15.96 1.86
C ASP A 69 -12.72 15.58 2.98
N LEU A 70 -11.66 14.84 2.71
CA LEU A 70 -10.65 14.53 3.71
C LEU A 70 -9.49 15.50 3.58
N PRO A 71 -8.88 15.92 4.69
CA PRO A 71 -7.64 16.69 4.61
C PRO A 71 -6.47 15.77 4.32
N PRO A 72 -5.32 16.32 3.93
CA PRO A 72 -4.13 15.49 3.81
C PRO A 72 -3.93 14.69 5.09
N LEU A 73 -3.63 13.40 4.94
CA LEU A 73 -3.56 12.51 6.09
C LEU A 73 -2.16 12.56 6.70
N HIS A 74 -2.09 12.50 8.03
CA HIS A 74 -0.81 12.53 8.72
C HIS A 74 -0.49 11.11 9.12
N VAL A 75 0.46 10.49 8.42
CA VAL A 75 0.74 9.07 8.59
C VAL A 75 1.96 8.92 9.48
N ASN A 76 1.86 8.06 10.50
CA ASN A 76 2.94 7.83 11.45
C ASN A 76 3.46 6.42 11.26
N LEU A 77 4.78 6.28 11.14
CA LEU A 77 5.40 4.96 11.23
C LEU A 77 5.33 4.50 12.68
N ARG A 78 5.15 3.17 12.86
CA ARG A 78 5.11 2.61 14.21
C ARG A 78 6.18 1.53 14.28
N GLY A 79 5.81 0.29 14.67
CA GLY A 79 6.76 -0.79 14.86
C GLY A 79 6.73 -1.78 13.69
N THR A 80 7.70 -2.70 13.69
CA THR A 80 7.74 -3.73 12.64
C THR A 80 6.95 -4.98 13.06
N GLY A 81 6.59 -5.80 12.07
CA GLY A 81 5.90 -7.05 12.33
C GLY A 81 6.01 -7.93 11.11
N TYR A 82 5.39 -9.13 11.20
CA TYR A 82 5.46 -10.19 10.19
C TYR A 82 4.09 -10.66 9.74
N PHE A 83 4.02 -11.07 8.48
N PHE A 83 4.00 -11.04 8.47
CA PHE A 83 2.90 -11.86 8.02
CA PHE A 83 2.89 -11.84 7.97
C PHE A 83 3.43 -13.19 7.47
C PHE A 83 3.45 -13.18 7.49
N PRO A 84 2.77 -14.30 7.83
CA PRO A 84 1.58 -14.42 8.65
C PRO A 84 1.94 -14.34 10.11
N ASN A 85 0.93 -14.21 10.98
CA ASN A 85 1.17 -13.96 12.40
C ASN A 85 2.09 -15.00 13.03
N GLU A 86 1.86 -16.26 12.66
CA GLU A 86 2.62 -17.38 13.19
C GLU A 86 3.11 -18.25 12.05
N GLY A 87 4.13 -19.05 12.34
CA GLY A 87 4.73 -19.90 11.34
C GLY A 87 5.88 -19.20 10.64
N SER A 88 6.35 -19.75 9.53
CA SER A 88 7.44 -19.11 8.83
C SER A 88 6.89 -17.77 8.34
N PRO A 89 7.60 -16.69 8.64
CA PRO A 89 7.13 -15.39 8.17
C PRO A 89 7.43 -15.24 6.69
N ARG A 90 6.49 -14.71 5.94
CA ARG A 90 6.73 -14.46 4.52
C ARG A 90 6.92 -12.99 4.19
N VAL A 91 6.49 -12.09 5.07
CA VAL A 91 6.71 -10.66 4.82
C VAL A 91 7.08 -9.98 6.12
N TRP A 92 7.97 -8.99 6.03
CA TRP A 92 8.39 -8.11 7.11
C TRP A 92 7.86 -6.73 6.74
N PHE A 93 7.19 -6.05 7.68
CA PHE A 93 6.58 -4.77 7.32
C PHE A 93 6.77 -3.81 8.48
N VAL A 94 6.55 -2.53 8.21
CA VAL A 94 6.40 -1.53 9.28
C VAL A 94 4.93 -1.10 9.33
N LYS A 95 4.35 -1.08 10.53
CA LYS A 95 2.98 -0.62 10.70
C LYS A 95 2.89 0.90 10.50
N THR A 96 1.78 1.36 9.91
CA THR A 96 1.52 2.79 9.78
C THR A 96 0.16 3.12 10.36
N GLU A 97 0.05 4.31 10.94
CA GLU A 97 -1.21 4.72 11.56
C GLU A 97 -1.53 6.12 11.07
N ALA A 98 -2.78 6.39 10.71
CA ALA A 98 -3.19 7.77 10.47
C ALA A 98 -4.68 7.90 10.79
N GLU A 99 -5.08 9.01 11.42
CA GLU A 99 -6.51 9.29 11.53
C GLU A 99 -7.18 9.28 10.15
N GLY A 100 -8.28 8.53 10.03
CA GLY A 100 -9.03 8.42 8.78
C GLY A 100 -8.58 7.33 7.84
N LEU A 101 -7.44 6.71 8.10
CA LEU A 101 -6.90 5.80 7.08
C LEU A 101 -7.73 4.50 6.98
N THR A 102 -8.11 3.92 8.12
CA THR A 102 -8.96 2.72 8.06
C THR A 102 -10.31 3.04 7.45
N GLU A 103 -10.87 4.19 7.81
CA GLU A 103 -12.16 4.58 7.27
C GLU A 103 -12.06 4.76 5.75
N LEU A 104 -10.99 5.38 5.29
CA LEU A 104 -10.81 5.53 3.84
C LEU A 104 -10.67 4.16 3.16
N ALA A 105 -9.88 3.25 3.74
CA ALA A 105 -9.74 1.94 3.11
C ALA A 105 -11.05 1.21 3.07
N GLU A 106 -11.81 1.26 4.17
CA GLU A 106 -13.07 0.53 4.21
C GLU A 106 -14.11 1.11 3.25
N ASN A 107 -14.15 2.45 3.12
CA ASN A 107 -15.08 3.06 2.17
C ASN A 107 -14.69 2.71 0.76
N LEU A 108 -13.39 2.71 0.48
CA LEU A 108 -12.89 2.39 -0.85
C LEU A 108 -13.26 0.96 -1.21
N ARG A 109 -13.00 0.03 -0.29
CA ARG A 109 -13.33 -1.36 -0.56
C ARG A 109 -14.82 -1.55 -0.79
N ALA A 110 -15.67 -0.91 0.02
CA ALA A 110 -17.10 -1.00 -0.22
C ALA A 110 -17.47 -0.39 -1.57
N GLY A 111 -16.84 0.73 -1.93
CA GLY A 111 -17.17 1.37 -3.20
C GLY A 111 -16.78 0.51 -4.39
N ILE A 112 -15.63 -0.15 -4.31
CA ILE A 112 -15.19 -1.06 -5.37
C ILE A 112 -16.18 -2.21 -5.52
N ARG A 113 -16.56 -2.83 -4.40
CA ARG A 113 -17.56 -3.90 -4.43
C ARG A 113 -18.88 -3.40 -5.00
N GLU A 114 -19.28 -2.17 -4.68
CA GLU A 114 -20.56 -1.67 -5.19
C GLU A 114 -20.52 -1.46 -6.71
N LEU A 115 -19.35 -1.23 -7.26
CA LEU A 115 -19.13 -1.16 -8.69
C LEU A 115 -19.10 -2.54 -9.33
N GLY A 116 -19.16 -3.62 -8.54
CA GLY A 116 -19.03 -4.95 -9.11
C GLY A 116 -17.64 -5.23 -9.67
N ILE A 117 -16.61 -4.66 -9.08
CA ILE A 117 -15.22 -4.90 -9.46
C ILE A 117 -14.56 -5.74 -8.38
N GLY A 118 -13.76 -6.73 -8.81
CA GLY A 118 -13.18 -7.67 -7.86
C GLY A 118 -12.00 -7.12 -7.07
N THR A 119 -11.90 -7.54 -5.82
CA THR A 119 -10.75 -7.23 -4.99
C THR A 119 -10.11 -8.52 -4.54
N ASP A 120 -8.93 -8.39 -3.91
CA ASP A 120 -8.27 -9.58 -3.38
C ASP A 120 -7.51 -9.15 -2.14
N ASP A 121 -8.28 -8.77 -1.13
CA ASP A 121 -7.78 -8.14 0.09
C ASP A 121 -7.91 -9.07 1.28
N LEU A 122 -7.01 -8.90 2.24
CA LEU A 122 -7.17 -9.45 3.57
C LEU A 122 -7.69 -8.34 4.48
N ALA A 123 -7.97 -8.67 5.75
CA ALA A 123 -8.36 -7.63 6.71
C ALA A 123 -7.37 -6.49 6.68
N PHE A 124 -7.89 -5.26 6.70
CA PHE A 124 -7.05 -4.09 6.50
C PHE A 124 -6.16 -3.88 7.72
N LYS A 125 -4.85 -3.84 7.51
CA LYS A 125 -3.89 -3.51 8.56
C LYS A 125 -2.83 -2.67 7.87
N ALA A 126 -2.87 -1.37 8.07
CA ALA A 126 -2.04 -0.48 7.26
C ALA A 126 -0.56 -0.73 7.55
N HIS A 127 0.23 -0.85 6.50
CA HIS A 127 1.63 -1.16 6.67
C HIS A 127 2.37 -0.79 5.39
N ILE A 128 3.68 -0.74 5.51
CA ILE A 128 4.58 -0.70 4.36
C ILE A 128 5.41 -1.96 4.42
N THR A 129 5.31 -2.79 3.36
CA THR A 129 6.12 -3.99 3.31
C THR A 129 7.58 -3.62 3.06
N LEU A 130 8.45 -4.21 3.86
CA LEU A 130 9.89 -3.99 3.72
C LEU A 130 10.63 -5.16 3.08
N ALA A 131 10.13 -6.39 3.24
CA ALA A 131 10.87 -7.52 2.69
C ALA A 131 9.92 -8.69 2.57
N ARG A 132 10.27 -9.63 1.68
CA ARG A 132 9.52 -10.85 1.44
C ARG A 132 10.49 -12.02 1.42
N LYS A 133 10.02 -13.19 1.81
CA LYS A 133 10.85 -14.35 1.63
C LYS A 133 10.00 -15.57 1.45
N LYS A 134 10.62 -16.60 0.89
CA LYS A 134 10.15 -17.97 0.95
C LYS A 134 11.32 -18.79 1.49
N GLY A 135 11.08 -19.52 2.57
CA GLY A 135 12.13 -20.34 3.14
C GLY A 135 12.83 -19.64 4.29
N PRO A 136 13.75 -20.33 4.93
CA PRO A 136 14.28 -19.84 6.20
C PRO A 136 15.21 -18.64 6.04
N ALA A 137 15.27 -17.82 7.08
CA ALA A 137 16.21 -16.72 7.15
C ALA A 137 16.32 -16.30 8.60
N PRO A 138 17.40 -15.62 8.98
CA PRO A 138 17.49 -15.06 10.34
C PRO A 138 16.37 -14.06 10.62
N ARG A 139 15.73 -14.22 11.76
CA ARG A 139 14.67 -13.30 12.16
C ARG A 139 15.28 -11.95 12.51
N LEU A 140 14.62 -10.89 12.06
CA LEU A 140 15.05 -9.55 12.35
C LEU A 140 14.66 -9.16 13.76
N PRO A 141 15.43 -8.27 14.36
CA PRO A 141 15.12 -7.78 15.69
C PRO A 141 13.96 -6.77 15.62
N PRO A 142 13.21 -6.60 16.69
CA PRO A 142 12.14 -5.62 16.68
C PRO A 142 12.70 -4.22 16.51
N LEU A 143 12.03 -3.43 15.66
CA LEU A 143 12.38 -2.05 15.44
C LEU A 143 11.15 -1.19 15.67
N ILE A 144 11.36 0.07 16.05
CA ILE A 144 10.26 1.03 16.02
C ILE A 144 10.77 2.30 15.37
N PHE A 145 9.84 3.08 14.83
CA PHE A 145 10.17 4.31 14.13
C PHE A 145 9.39 5.47 14.73
N ASP A 146 9.92 6.68 14.58
CA ASP A 146 9.20 7.86 15.06
C ASP A 146 8.87 8.86 13.95
N GLN A 147 9.18 8.54 12.70
CA GLN A 147 9.00 9.49 11.62
C GLN A 147 7.54 9.51 11.16
N SER A 148 7.15 10.61 10.55
CA SER A 148 5.79 10.74 10.04
C SER A 148 5.84 11.57 8.76
N TRP A 149 4.75 11.54 7.99
CA TRP A 149 4.68 12.44 6.84
C TRP A 149 3.23 12.83 6.57
N THR A 150 3.06 13.86 5.74
CA THR A 150 1.72 14.29 5.35
C THR A 150 1.45 13.82 3.92
N ALA A 151 0.42 12.99 3.76
CA ALA A 151 0.08 12.43 2.46
C ALA A 151 -0.89 13.33 1.74
N PRO A 152 -0.52 13.92 0.59
CA PRO A 152 -1.41 14.87 -0.08
C PRO A 152 -2.51 14.24 -0.90
N GLY A 153 -2.39 12.95 -1.23
CA GLY A 153 -3.44 12.33 -2.02
C GLY A 153 -3.35 10.82 -1.98
N LEU A 154 -4.31 10.22 -2.66
CA LEU A 154 -4.42 8.78 -2.84
C LEU A 154 -4.06 8.46 -4.28
N THR A 155 -3.33 7.38 -4.49
CA THR A 155 -2.87 7.08 -5.85
C THR A 155 -3.49 5.77 -6.33
N LEU A 156 -3.94 5.76 -7.60
CA LEU A 156 -4.34 4.51 -8.23
C LEU A 156 -3.18 4.03 -9.11
N TYR A 157 -2.62 2.85 -8.79
CA TYR A 157 -1.45 2.31 -9.48
C TYR A 157 -1.89 1.16 -10.37
N ARG A 158 -1.15 0.95 -11.45
CA ARG A 158 -1.22 -0.30 -12.18
C ARG A 158 0.09 -1.05 -11.98
N SER A 159 0.00 -2.35 -11.78
CA SER A 159 1.16 -3.20 -11.67
C SER A 159 1.40 -3.97 -12.96
N ILE A 160 2.64 -3.93 -13.44
CA ILE A 160 3.02 -4.71 -14.61
C ILE A 160 4.21 -5.60 -14.25
N LEU A 161 4.23 -6.80 -14.82
CA LEU A 161 5.22 -7.82 -14.47
C LEU A 161 6.51 -7.65 -15.28
N ARG A 162 7.65 -7.60 -14.58
CA ARG A 162 8.96 -7.50 -15.21
C ARG A 162 9.93 -8.51 -14.56
N LYS A 163 11.08 -8.71 -15.21
CA LYS A 163 12.01 -9.74 -14.75
C LYS A 163 12.56 -9.41 -13.37
N THR A 164 12.87 -8.15 -13.10
CA THR A 164 13.38 -7.72 -11.81
C THR A 164 12.29 -7.59 -10.75
N GLY A 165 11.09 -8.08 -11.03
CA GLY A 165 9.96 -7.88 -10.14
C GLY A 165 8.89 -7.02 -10.78
N PRO A 166 7.82 -6.76 -10.05
CA PRO A 166 6.76 -5.89 -10.58
C PRO A 166 7.24 -4.45 -10.71
N ILE A 167 6.61 -3.73 -11.63
CA ILE A 167 6.79 -2.30 -11.84
C ILE A 167 5.43 -1.63 -11.65
N TYR A 168 5.40 -0.49 -10.98
CA TYR A 168 4.16 0.23 -10.67
C TYR A 168 4.08 1.49 -11.52
N GLU A 169 2.95 1.70 -12.20
CA GLU A 169 2.73 2.92 -12.96
C GLU A 169 1.56 3.68 -12.39
N VAL A 170 1.72 4.98 -12.19
CA VAL A 170 0.62 5.81 -11.68
C VAL A 170 -0.44 5.90 -12.75
N GLN A 171 -1.66 5.50 -12.41
CA GLN A 171 -2.80 5.72 -13.31
C GLN A 171 -3.49 7.05 -13.05
N SER A 172 -3.68 7.41 -11.80
CA SER A 172 -4.31 8.66 -11.45
C SER A 172 -4.02 8.97 -10.00
N THR A 173 -4.02 10.24 -9.64
CA THR A 173 -3.89 10.60 -8.24
C THR A 173 -5.12 11.41 -7.84
N PHE A 174 -5.50 11.31 -6.58
CA PHE A 174 -6.74 11.94 -6.10
C PHE A 174 -6.35 12.76 -4.87
N ARG A 175 -6.41 14.08 -5.00
CA ARG A 175 -5.94 14.95 -3.92
C ARG A 175 -6.94 14.99 -2.77
N PHE A 176 -6.41 14.97 -1.54
CA PHE A 176 -7.24 15.22 -0.35
C PHE A 176 -7.55 16.71 -0.29
N ARG A 177 -8.79 17.08 -0.54
CA ARG A 177 -9.12 18.48 -0.72
C ARG A 177 -9.91 19.04 0.44
N GLY A 178 -10.04 18.30 1.54
CA GLY A 178 -10.88 18.75 2.63
C GLY A 178 -10.06 19.40 3.71
N SER A 179 -10.68 19.58 4.88
CA SER A 179 -9.97 19.92 6.11
C SER A 179 -10.61 19.18 7.28
N ALA A 180 -9.88 19.13 8.40
CA ALA A 180 -10.38 18.53 9.64
C ALA A 180 -10.97 19.55 10.61
N SER A 181 -10.98 20.85 10.25
CA SER A 181 -11.60 21.90 11.04
C SER A 181 -12.80 22.55 10.38
N GLN A 182 -13.08 22.24 9.12
CA GLN A 182 -14.25 22.79 8.44
C GLN A 182 -14.59 21.95 7.22
S SO4 B . 1.45 -5.23 0.26
O1 SO4 B . 1.25 -6.10 -0.89
O2 SO4 B . 1.65 -6.05 1.45
O3 SO4 B . 2.57 -4.35 -0.05
O4 SO4 B . 0.31 -4.40 0.48
S SO4 C . 9.24 13.39 -2.09
O1 SO4 C . 7.79 13.57 -1.98
O2 SO4 C . 9.60 11.97 -1.99
O3 SO4 C . 9.68 13.88 -3.39
O4 SO4 C . 9.91 14.14 -1.04
S SO4 D . -8.91 14.90 -7.84
O1 SO4 D . -9.12 14.52 -9.24
O2 SO4 D . -9.30 13.77 -7.00
O3 SO4 D . -9.75 16.06 -7.51
O4 SO4 D . -7.51 15.27 -7.60
S SO4 E . -8.74 6.54 14.10
O1 SO4 E . -9.28 7.04 12.82
O2 SO4 E . -8.87 5.10 14.25
O3 SO4 E . -7.31 6.87 14.17
O4 SO4 E . -9.45 7.14 15.22
#